data_2OER
#
_entry.id   2OER
#
_cell.length_a   42.255
_cell.length_b   46.389
_cell.length_c   56.978
_cell.angle_alpha   100.62
_cell.angle_beta   101.49
_cell.angle_gamma   109.84
#
_symmetry.space_group_name_H-M   'P 1'
#
loop_
_entity.id
_entity.type
_entity.pdbx_description
1 polymer 'Probable transcriptional regulator'
2 water water
#
_entity_poly.entity_id   1
_entity_poly.type   'polypeptide(L)'
_entity_poly.pdbx_seq_one_letter_code
;GH(MSE)SDKRNPRISSRKQPQQARSSELVASILEAAVQVLASEGAQRFTTARVAERAGVSIGSLYQYFPNKAAILFRLQ
SDEWRRTTRLLGEILEDTTRPPLERLRRLVLAFVRSECEEAAIRVALSDAAPLYRDADEAREVKAEGARVFQAFLREALP
EVAEAERSLAGDLLTTTLGAVGKQFSEQPRSEAEIERYAEALAD(MSE)LCAYLAALGERGS
;
_entity_poly.pdbx_strand_id   A,B
#
# COMPACT_ATOMS: atom_id res chain seq x y z
N SER A 23 -30.97 -23.32 -3.43
CA SER A 23 -29.58 -23.87 -3.57
C SER A 23 -29.12 -23.99 -5.02
N GLU A 24 -29.76 -24.85 -5.81
CA GLU A 24 -29.60 -24.82 -7.27
C GLU A 24 -30.07 -23.44 -7.81
N LEU A 25 -31.17 -22.93 -7.26
CA LEU A 25 -31.69 -21.62 -7.66
C LEU A 25 -30.74 -20.51 -7.24
N VAL A 26 -30.27 -20.56 -6.00
CA VAL A 26 -29.27 -19.62 -5.51
C VAL A 26 -28.00 -19.70 -6.34
N ALA A 27 -27.49 -20.92 -6.54
CA ALA A 27 -26.27 -21.11 -7.32
C ALA A 27 -26.39 -20.43 -8.68
N SER A 28 -27.54 -20.64 -9.37
CA SER A 28 -27.75 -20.08 -10.72
C SER A 28 -27.82 -18.55 -10.67
N ILE A 29 -28.60 -18.05 -9.71
CA ILE A 29 -28.60 -16.61 -9.36
C ILE A 29 -27.18 -16.06 -9.23
N LEU A 30 -26.40 -16.70 -8.36
CA LEU A 30 -25.03 -16.27 -8.07
C LEU A 30 -24.12 -16.34 -9.30
N GLU A 31 -24.27 -17.40 -10.08
CA GLU A 31 -23.58 -17.53 -11.36
C GLU A 31 -23.99 -16.42 -12.35
N ALA A 32 -25.29 -16.17 -12.52
CA ALA A 32 -25.78 -15.05 -13.35
C ALA A 32 -25.28 -13.70 -12.85
N ALA A 33 -25.16 -13.56 -11.51
CA ALA A 33 -24.57 -12.37 -10.88
C ALA A 33 -23.06 -12.25 -11.15
N VAL A 34 -22.29 -13.29 -10.84
CA VAL A 34 -20.82 -13.30 -11.07
C VAL A 34 -20.48 -13.11 -12.55
N GLN A 35 -21.42 -13.50 -13.42
CA GLN A 35 -21.40 -13.25 -14.88
C GLN A 35 -21.86 -11.86 -15.31
N VAL A 36 -22.99 -11.39 -14.77
CA VAL A 36 -23.61 -10.09 -15.16
C VAL A 36 -22.75 -8.89 -14.81
N GLN A 43 -21.47 -1.55 -11.73
CA GLN A 43 -21.62 -0.28 -12.45
C GLN A 43 -23.03 -0.10 -13.04
N ARG A 44 -23.49 -1.07 -13.80
CA ARG A 44 -24.90 -1.14 -14.14
C ARG A 44 -25.50 -2.47 -13.69
N PHE A 45 -24.76 -3.15 -12.81
CA PHE A 45 -25.19 -4.34 -12.08
C PHE A 45 -26.52 -4.06 -11.38
N THR A 46 -27.57 -4.78 -11.78
CA THR A 46 -28.86 -4.69 -11.11
C THR A 46 -29.48 -6.06 -10.83
N THR A 47 -30.47 -6.02 -9.94
CA THR A 47 -31.31 -7.15 -9.62
C THR A 47 -32.09 -7.58 -10.88
N ALA A 48 -32.91 -6.68 -11.43
CA ALA A 48 -33.65 -6.99 -12.65
C ALA A 48 -32.72 -7.66 -13.67
N ARG A 49 -31.50 -7.16 -13.83
CA ARG A 49 -30.59 -7.75 -14.80
C ARG A 49 -30.14 -9.15 -14.44
N VAL A 50 -29.86 -9.41 -13.15
CA VAL A 50 -29.38 -10.75 -12.74
C VAL A 50 -30.51 -11.80 -12.85
N ALA A 51 -31.75 -11.39 -12.57
CA ALA A 51 -32.92 -12.26 -12.65
C ALA A 51 -33.31 -12.56 -14.10
N GLU A 52 -33.06 -11.58 -14.97
CA GLU A 52 -33.34 -11.74 -16.38
C GLU A 52 -32.36 -12.77 -16.93
N ARG A 53 -31.08 -12.65 -16.58
CA ARG A 53 -30.12 -13.65 -17.04
C ARG A 53 -30.40 -15.03 -16.44
N ALA A 54 -30.75 -15.04 -15.14
CA ALA A 54 -30.99 -16.30 -14.43
C ALA A 54 -32.22 -17.05 -14.96
N GLY A 55 -33.01 -16.37 -15.78
CA GLY A 55 -34.24 -16.93 -16.27
C GLY A 55 -35.24 -17.12 -15.16
N VAL A 56 -35.20 -16.24 -14.15
CA VAL A 56 -36.24 -16.24 -13.11
C VAL A 56 -36.98 -14.90 -12.96
N SER A 57 -38.16 -14.97 -12.35
CA SER A 57 -38.89 -13.81 -11.91
C SER A 57 -38.12 -13.03 -10.82
N ILE A 58 -38.34 -11.72 -10.79
CA ILE A 58 -37.65 -10.91 -9.83
C ILE A 58 -38.22 -11.18 -8.45
N GLY A 59 -39.48 -11.59 -8.45
CA GLY A 59 -40.15 -12.11 -7.27
C GLY A 59 -39.36 -13.24 -6.67
N SER A 60 -38.85 -14.09 -7.54
CA SER A 60 -38.18 -15.31 -7.13
C SER A 60 -36.77 -15.00 -6.64
N LEU A 61 -36.02 -14.20 -7.38
CA LEU A 61 -34.78 -13.64 -6.87
C LEU A 61 -34.98 -13.00 -5.49
N TYR A 62 -36.02 -12.18 -5.36
CA TYR A 62 -36.26 -11.44 -4.11
C TYR A 62 -36.42 -12.33 -2.86
N GLN A 63 -36.86 -13.57 -3.05
CA GLN A 63 -36.95 -14.54 -1.97
C GLN A 63 -35.61 -14.86 -1.37
N TYR A 64 -34.56 -14.76 -2.20
CA TYR A 64 -33.21 -15.15 -1.79
C TYR A 64 -32.33 -13.94 -1.50
N PHE A 65 -32.54 -12.86 -2.24
CA PHE A 65 -31.75 -11.65 -2.05
C PHE A 65 -32.68 -10.48 -2.20
N PRO A 66 -33.02 -9.82 -1.08
CA PRO A 66 -33.97 -8.70 -1.15
C PRO A 66 -33.46 -7.51 -2.00
N ASN A 67 -32.16 -7.42 -2.22
CA ASN A 67 -31.63 -6.34 -3.05
C ASN A 67 -30.26 -6.67 -3.64
N LYS A 68 -29.77 -5.73 -4.44
CA LYS A 68 -28.48 -5.82 -5.13
C LYS A 68 -27.24 -5.94 -4.18
N ALA A 69 -27.23 -5.21 -3.06
CA ALA A 69 -26.19 -5.32 -2.04
C ALA A 69 -26.08 -6.74 -1.46
N ALA A 70 -27.23 -7.33 -1.16
CA ALA A 70 -27.32 -8.67 -0.66
C ALA A 70 -26.57 -9.63 -1.63
N ILE A 71 -26.81 -9.54 -2.93
CA ILE A 71 -26.09 -10.38 -3.91
C ILE A 71 -24.55 -10.11 -3.84
N LEU A 72 -24.19 -8.85 -3.81
CA LEU A 72 -22.80 -8.43 -3.80
C LEU A 72 -22.02 -8.85 -2.57
N PHE A 73 -22.68 -8.84 -1.42
CA PHE A 73 -22.08 -9.27 -0.16
C PHE A 73 -21.84 -10.76 -0.24
N ARG A 74 -22.75 -11.50 -0.87
CA ARG A 74 -22.50 -12.90 -1.09
C ARG A 74 -21.36 -13.09 -2.08
N LEU A 75 -21.37 -12.38 -3.20
CA LEU A 75 -20.26 -12.54 -4.13
C LEU A 75 -18.96 -12.22 -3.37
N GLN A 76 -18.94 -11.16 -2.58
CA GLN A 76 -17.70 -10.74 -1.90
C GLN A 76 -17.23 -11.85 -1.00
N SER A 77 -18.15 -12.40 -0.23
CA SER A 77 -17.80 -13.40 0.71
C SER A 77 -17.35 -14.74 0.07
N ASP A 78 -17.97 -15.15 -1.05
CA ASP A 78 -17.58 -16.38 -1.68
C ASP A 78 -16.16 -16.22 -2.25
N GLU A 79 -15.89 -15.04 -2.79
CA GLU A 79 -14.56 -14.71 -3.32
C GLU A 79 -13.43 -14.81 -2.32
N TRP A 80 -13.60 -14.22 -1.14
CA TRP A 80 -12.58 -14.31 -0.09
C TRP A 80 -12.30 -15.77 0.28
N ARG A 81 -13.36 -16.56 0.46
CA ARG A 81 -13.25 -18.02 0.68
C ARG A 81 -12.51 -18.78 -0.44
N ARG A 82 -12.82 -18.47 -1.70
N ARG A 82 -12.85 -18.47 -1.70
CA ARG A 82 -12.16 -19.10 -2.85
CA ARG A 82 -12.18 -19.02 -2.89
C ARG A 82 -10.67 -18.77 -2.89
C ARG A 82 -10.69 -18.77 -2.86
N THR A 83 -10.36 -17.49 -2.66
CA THR A 83 -9.00 -17.02 -2.71
C THR A 83 -8.11 -17.52 -1.56
N THR A 84 -8.60 -17.50 -0.32
CA THR A 84 -7.98 -18.20 0.83
C THR A 84 -7.65 -19.67 0.54
N ARG A 85 -8.60 -20.43 0.01
N ARG A 85 -8.61 -20.42 0.02
CA ARG A 85 -8.34 -21.80 -0.44
CA ARG A 85 -8.41 -21.78 -0.45
C ARG A 85 -7.25 -21.84 -1.48
C ARG A 85 -7.28 -21.84 -1.48
N LEU A 86 -7.34 -21.00 -2.50
CA LEU A 86 -6.41 -21.08 -3.62
C LEU A 86 -4.98 -20.71 -3.20
N LEU A 87 -4.87 -19.59 -2.52
CA LEU A 87 -3.58 -19.11 -2.06
C LEU A 87 -2.89 -20.14 -1.15
N GLY A 88 -3.66 -20.82 -0.30
CA GLY A 88 -3.11 -21.90 0.58
C GLY A 88 -2.61 -23.11 -0.19
N GLU A 89 -3.33 -23.46 -1.24
CA GLU A 89 -3.04 -24.57 -2.17
C GLU A 89 -1.75 -24.36 -3.01
N ILE A 90 -1.53 -23.11 -3.45
CA ILE A 90 -0.34 -22.72 -4.21
C ILE A 90 0.94 -22.86 -3.38
N LEU A 91 0.87 -22.40 -2.12
CA LEU A 91 2.03 -22.42 -1.21
C LEU A 91 2.38 -23.81 -0.64
N GLU A 92 1.44 -24.75 -0.72
CA GLU A 92 1.63 -26.10 -0.19
C GLU A 92 2.03 -27.12 -1.25
N ASP A 93 1.75 -26.82 -2.52
CA ASP A 93 2.14 -27.68 -3.65
C ASP A 93 3.65 -27.97 -3.64
N THR A 94 4.09 -29.15 -4.06
CA THR A 94 5.55 -29.42 -4.04
C THR A 94 6.12 -30.10 -5.30
N THR A 95 5.34 -30.08 -6.37
CA THR A 95 5.92 -30.23 -7.71
C THR A 95 6.74 -29.01 -8.18
N ARG A 96 6.67 -27.90 -7.43
N ARG A 96 6.66 -27.89 -7.45
CA ARG A 96 7.48 -26.69 -7.71
CA ARG A 96 7.46 -26.68 -7.71
C ARG A 96 8.32 -26.20 -6.51
C ARG A 96 8.32 -26.20 -6.51
N PRO A 97 9.53 -25.67 -6.79
CA PRO A 97 10.33 -24.99 -5.78
C PRO A 97 9.60 -23.77 -5.17
N PRO A 98 9.97 -23.37 -3.95
CA PRO A 98 9.33 -22.19 -3.34
C PRO A 98 9.28 -20.92 -4.16
N LEU A 99 10.30 -20.57 -4.93
CA LEU A 99 10.24 -19.33 -5.71
C LEU A 99 9.18 -19.42 -6.82
N GLU A 100 9.02 -20.62 -7.37
CA GLU A 100 7.98 -20.83 -8.35
C GLU A 100 6.61 -20.68 -7.71
N ARG A 101 6.43 -21.27 -6.55
CA ARG A 101 5.19 -21.16 -5.80
C ARG A 101 4.85 -19.69 -5.49
N LEU A 102 5.84 -18.94 -5.00
CA LEU A 102 5.60 -17.54 -4.69
C LEU A 102 5.14 -16.73 -5.98
N ARG A 103 5.80 -16.96 -7.12
CA ARG A 103 5.42 -16.33 -8.37
C ARG A 103 3.95 -16.59 -8.76
N ARG A 104 3.53 -17.86 -8.69
N ARG A 104 3.51 -17.84 -8.64
CA ARG A 104 2.13 -18.27 -8.95
CA ARG A 104 2.14 -18.24 -8.95
C ARG A 104 1.13 -17.64 -7.95
C ARG A 104 1.12 -17.66 -7.95
N LEU A 105 1.49 -17.62 -6.68
CA LEU A 105 0.71 -16.90 -5.63
C LEU A 105 0.50 -15.41 -6.00
N VAL A 106 1.56 -14.78 -6.44
CA VAL A 106 1.50 -13.31 -6.75
C VAL A 106 0.51 -13.11 -7.88
N LEU A 107 0.56 -13.96 -8.93
CA LEU A 107 -0.33 -13.79 -10.08
C LEU A 107 -1.79 -13.97 -9.64
N ALA A 108 -2.03 -15.00 -8.84
CA ALA A 108 -3.37 -15.35 -8.38
C ALA A 108 -3.89 -14.25 -7.45
N PHE A 109 -3.01 -13.69 -6.60
CA PHE A 109 -3.40 -12.61 -5.72
C PHE A 109 -3.76 -11.31 -6.46
N VAL A 110 -2.96 -10.91 -7.44
CA VAL A 110 -3.26 -9.72 -8.17
C VAL A 110 -4.56 -9.90 -8.97
N ARG A 111 -4.74 -11.07 -9.57
CA ARG A 111 -6.00 -11.32 -10.34
C ARG A 111 -7.20 -11.20 -9.43
N SER A 112 -7.07 -11.75 -8.26
CA SER A 112 -8.09 -11.71 -7.23
C SER A 112 -8.45 -10.28 -6.70
N GLU A 113 -7.42 -9.41 -6.50
CA GLU A 113 -7.65 -8.02 -6.12
C GLU A 113 -8.43 -7.27 -7.18
N CYS A 114 -8.08 -7.48 -8.43
CA CYS A 114 -8.80 -6.88 -9.53
C CYS A 114 -10.33 -7.29 -9.55
N GLU A 115 -10.63 -8.53 -9.18
CA GLU A 115 -12.02 -8.95 -8.91
C GLU A 115 -12.70 -8.39 -7.64
N GLU A 116 -12.02 -8.45 -6.49
CA GLU A 116 -12.49 -7.77 -5.28
C GLU A 116 -12.81 -6.29 -5.55
N ALA A 117 -12.07 -5.63 -6.46
CA ALA A 117 -12.24 -4.18 -6.74
C ALA A 117 -13.56 -3.90 -7.44
N ALA A 118 -13.90 -4.69 -8.44
CA ALA A 118 -15.19 -4.61 -9.12
C ALA A 118 -16.39 -4.77 -8.18
N ILE A 119 -16.32 -5.73 -7.27
CA ILE A 119 -17.37 -5.90 -6.27
C ILE A 119 -17.40 -4.72 -5.26
N ARG A 120 -16.23 -4.27 -4.83
N ARG A 120 -16.23 -4.25 -4.85
CA ARG A 120 -16.11 -3.08 -3.94
CA ARG A 120 -16.14 -3.10 -3.93
C ARG A 120 -16.81 -1.87 -4.57
C ARG A 120 -16.71 -1.81 -4.55
N VAL A 121 -16.53 -1.64 -5.85
CA VAL A 121 -17.13 -0.54 -6.58
C VAL A 121 -18.67 -0.61 -6.65
N ALA A 122 -19.17 -1.82 -6.92
CA ALA A 122 -20.59 -2.07 -6.97
C ALA A 122 -21.18 -1.91 -5.55
N LEU A 123 -20.47 -2.42 -4.52
CA LEU A 123 -20.90 -2.30 -3.14
C LEU A 123 -20.98 -0.85 -2.69
N SER A 124 -20.04 -0.04 -3.17
CA SER A 124 -19.98 1.40 -2.95
C SER A 124 -21.23 2.16 -3.43
N ASP A 125 -21.80 1.73 -4.56
N ASP A 125 -21.82 1.72 -4.54
CA ASP A 125 -23.07 2.28 -5.05
CA ASP A 125 -23.06 2.32 -5.04
C ASP A 125 -24.20 1.76 -4.17
C ASP A 125 -24.30 1.73 -4.33
N ALA A 126 -24.24 0.44 -4.00
CA ALA A 126 -25.38 -0.25 -3.35
C ALA A 126 -25.53 -0.07 -1.82
N ALA A 127 -24.39 -0.03 -1.12
CA ALA A 127 -24.33 0.06 0.35
C ALA A 127 -23.31 1.14 0.68
N PRO A 128 -23.63 2.41 0.34
CA PRO A 128 -22.65 3.52 0.39
C PRO A 128 -21.92 3.68 1.73
N LEU A 129 -22.56 3.30 2.83
CA LEU A 129 -21.98 3.48 4.16
C LEU A 129 -21.21 2.26 4.59
N TYR A 130 -21.21 1.24 3.74
CA TYR A 130 -20.44 0.01 4.05
C TYR A 130 -18.96 0.16 3.72
N GLU A 135 -12.60 -6.93 8.80
CA GLU A 135 -13.23 -7.97 7.99
C GLU A 135 -12.22 -8.46 6.93
N ALA A 136 -11.94 -7.61 5.94
CA ALA A 136 -10.94 -7.92 4.93
C ALA A 136 -9.55 -8.11 5.55
N ARG A 137 -9.37 -7.55 6.75
CA ARG A 137 -8.12 -7.71 7.52
C ARG A 137 -8.04 -9.04 8.27
N GLU A 138 -9.20 -9.61 8.63
CA GLU A 138 -9.27 -10.95 9.23
C GLU A 138 -8.86 -12.03 8.20
N VAL A 139 -9.25 -11.79 6.95
CA VAL A 139 -8.79 -12.56 5.79
C VAL A 139 -7.29 -12.30 5.48
N LYS A 140 -6.88 -11.02 5.47
CA LYS A 140 -5.48 -10.63 5.27
C LYS A 140 -4.62 -11.35 6.31
N ALA A 141 -5.06 -11.29 7.56
CA ALA A 141 -4.33 -11.85 8.70
C ALA A 141 -4.09 -13.34 8.56
N GLU A 142 -5.10 -14.10 8.15
CA GLU A 142 -4.93 -15.54 7.99
C GLU A 142 -4.00 -15.87 6.80
N GLY A 143 -4.09 -15.09 5.73
CA GLY A 143 -3.17 -15.19 4.59
C GLY A 143 -1.73 -15.09 5.05
N ALA A 144 -1.44 -14.04 5.81
CA ALA A 144 -0.14 -13.83 6.44
C ALA A 144 0.38 -15.08 7.20
N ARG A 145 -0.39 -15.61 8.14
CA ARG A 145 0.02 -16.76 8.96
C ARG A 145 0.47 -17.94 8.10
N VAL A 146 -0.33 -18.25 7.07
CA VAL A 146 -0.06 -19.34 6.11
C VAL A 146 1.25 -19.08 5.36
N PHE A 147 1.45 -17.84 4.95
CA PHE A 147 2.70 -17.40 4.37
C PHE A 147 3.93 -17.59 5.29
N GLN A 148 3.78 -17.38 6.60
CA GLN A 148 4.93 -17.54 7.50
C GLN A 148 5.41 -19.02 7.58
N ALA A 149 4.46 -19.95 7.55
CA ALA A 149 4.77 -21.36 7.48
C ALA A 149 5.48 -21.76 6.17
N PHE A 150 5.15 -21.08 5.08
CA PHE A 150 5.80 -21.33 3.83
C PHE A 150 7.24 -20.86 3.92
N LEU A 151 7.45 -19.69 4.57
CA LEU A 151 8.78 -19.16 4.82
C LEU A 151 9.65 -20.10 5.61
N ARG A 152 9.06 -20.72 6.62
CA ARG A 152 9.72 -21.63 7.50
C ARG A 152 10.29 -22.74 6.64
N GLU A 153 9.55 -23.11 5.59
CA GLU A 153 9.95 -24.19 4.69
C GLU A 153 10.98 -23.72 3.70
N ALA A 154 10.82 -22.50 3.20
CA ALA A 154 11.69 -21.95 2.17
C ALA A 154 13.02 -21.39 2.70
N LEU A 155 13.05 -20.98 3.99
CA LEU A 155 14.21 -20.32 4.59
C LEU A 155 14.62 -21.00 5.88
N PRO A 156 15.14 -22.25 5.80
CA PRO A 156 15.46 -23.04 7.00
C PRO A 156 16.64 -22.51 7.83
N GLU A 157 17.54 -21.77 7.18
N GLU A 157 17.50 -21.71 7.21
CA GLU A 157 18.79 -21.24 7.76
CA GLU A 157 18.76 -21.24 7.80
C GLU A 157 18.55 -19.90 8.45
C GLU A 157 18.72 -19.73 8.05
N VAL A 158 17.51 -19.19 8.01
CA VAL A 158 17.24 -17.80 8.43
C VAL A 158 16.65 -17.80 9.82
N ALA A 159 17.28 -17.02 10.69
CA ALA A 159 16.84 -16.85 12.07
C ALA A 159 15.37 -16.45 12.13
N GLU A 160 14.62 -16.87 13.13
CA GLU A 160 13.19 -16.61 13.20
C GLU A 160 12.81 -15.11 13.17
N ALA A 161 13.57 -14.25 13.82
CA ALA A 161 13.24 -12.81 13.86
C ALA A 161 13.32 -12.21 12.46
N GLU A 162 14.35 -12.57 11.71
CA GLU A 162 14.49 -12.13 10.32
C GLU A 162 13.43 -12.66 9.38
N ARG A 163 13.14 -13.95 9.53
CA ARG A 163 12.12 -14.66 8.78
C ARG A 163 10.73 -14.04 9.00
N SER A 164 10.36 -13.78 10.26
CA SER A 164 9.20 -12.96 10.64
C SER A 164 9.09 -11.61 9.97
N LEU A 165 10.17 -10.83 10.06
CA LEU A 165 10.22 -9.51 9.44
C LEU A 165 10.01 -9.64 7.93
N ALA A 166 10.66 -10.62 7.33
CA ALA A 166 10.59 -10.84 5.88
C ALA A 166 9.21 -11.23 5.45
N GLY A 167 8.58 -12.14 6.20
CA GLY A 167 7.19 -12.52 5.97
C GLY A 167 6.21 -11.36 6.14
N ASP A 168 6.43 -10.51 7.12
N ASP A 168 6.43 -10.52 7.17
CA ASP A 168 5.63 -9.31 7.18
CA ASP A 168 5.71 -9.21 7.31
C ASP A 168 5.79 -8.39 5.98
C ASP A 168 5.81 -8.41 6.02
N LEU A 169 7.02 -8.13 5.57
CA LEU A 169 7.24 -7.26 4.45
C LEU A 169 6.67 -7.84 3.13
N LEU A 170 6.92 -9.13 2.91
CA LEU A 170 6.38 -9.80 1.73
C LEU A 170 4.85 -9.74 1.67
N THR A 171 4.17 -10.10 2.74
CA THR A 171 2.70 -10.12 2.70
C THR A 171 2.06 -8.71 2.63
N THR A 172 2.66 -7.74 3.34
CA THR A 172 2.27 -6.35 3.26
C THR A 172 2.48 -5.80 1.84
N THR A 173 3.58 -6.16 1.20
CA THR A 173 3.91 -5.59 -0.12
C THR A 173 2.94 -6.20 -1.13
N LEU A 174 2.75 -7.51 -1.10
CA LEU A 174 1.79 -8.19 -1.98
C LEU A 174 0.39 -7.56 -1.82
N GLY A 175 -0.11 -7.49 -0.59
CA GLY A 175 -1.41 -6.91 -0.31
C GLY A 175 -1.55 -5.42 -0.68
N ALA A 176 -0.60 -4.59 -0.25
CA ALA A 176 -0.65 -3.15 -0.51
C ALA A 176 -0.45 -2.77 -2.00
N VAL A 177 0.53 -3.36 -2.67
CA VAL A 177 0.77 -3.10 -4.06
C VAL A 177 -0.36 -3.76 -4.96
N GLY A 178 -0.73 -5.00 -4.69
CA GLY A 178 -1.90 -5.60 -5.38
C GLY A 178 -3.16 -4.76 -5.30
N LYS A 179 -3.49 -4.29 -4.11
CA LYS A 179 -4.70 -3.51 -3.92
C LYS A 179 -4.61 -2.18 -4.69
N GLN A 180 -3.49 -1.47 -4.57
CA GLN A 180 -3.33 -0.23 -5.29
C GLN A 180 -3.43 -0.44 -6.83
N PHE A 181 -2.80 -1.49 -7.33
CA PHE A 181 -2.85 -1.81 -8.74
C PHE A 181 -4.31 -1.93 -9.20
N SER A 182 -5.14 -2.51 -8.36
CA SER A 182 -6.60 -2.77 -8.67
C SER A 182 -7.58 -1.57 -8.49
N GLU A 183 -7.06 -0.40 -8.11
CA GLU A 183 -7.89 0.78 -7.98
C GLU A 183 -8.39 1.30 -9.32
N GLN A 184 -7.82 0.78 -10.39
CA GLN A 184 -8.39 1.05 -11.71
C GLN A 184 -8.55 -0.24 -12.50
N PRO A 185 -9.48 -0.28 -13.49
CA PRO A 185 -9.66 -1.49 -14.28
C PRO A 185 -8.43 -1.88 -15.06
N ARG A 186 -8.13 -3.16 -15.15
CA ARG A 186 -6.88 -3.62 -15.83
C ARG A 186 -7.14 -4.65 -16.96
N SER A 187 -6.41 -4.64 -18.07
CA SER A 187 -6.53 -5.78 -19.02
C SER A 187 -5.81 -7.05 -18.51
N GLU A 188 -6.12 -8.18 -19.13
CA GLU A 188 -5.49 -9.44 -18.74
C GLU A 188 -4.01 -9.29 -18.93
N ALA A 189 -3.59 -8.72 -20.04
CA ALA A 189 -2.18 -8.52 -20.24
C ALA A 189 -1.52 -7.58 -19.23
N GLU A 190 -2.25 -6.54 -18.80
CA GLU A 190 -1.70 -5.60 -17.80
C GLU A 190 -1.43 -6.36 -16.53
N ILE A 191 -2.43 -7.12 -16.12
CA ILE A 191 -2.36 -7.98 -14.93
C ILE A 191 -1.17 -8.93 -14.99
N GLU A 192 -1.02 -9.63 -16.10
CA GLU A 192 0.08 -10.59 -16.18
C GLU A 192 1.43 -9.92 -16.09
N ARG A 193 1.61 -8.82 -16.80
N ARG A 193 1.59 -8.81 -16.80
CA ARG A 193 2.89 -8.14 -16.76
CA ARG A 193 2.82 -8.06 -16.83
C ARG A 193 3.20 -7.61 -15.36
C ARG A 193 3.21 -7.46 -15.48
N TYR A 194 2.22 -6.95 -14.76
CA TYR A 194 2.43 -6.36 -13.44
C TYR A 194 2.73 -7.40 -12.37
N ALA A 195 1.93 -8.47 -12.30
CA ALA A 195 2.21 -9.65 -11.49
C ALA A 195 3.62 -10.25 -11.70
N GLU A 196 4.11 -10.28 -12.95
CA GLU A 196 5.46 -10.81 -13.28
C GLU A 196 6.54 -9.89 -12.68
N ALA A 197 6.43 -8.58 -12.89
CA ALA A 197 7.33 -7.60 -12.18
C ALA A 197 7.32 -7.65 -10.66
N LEU A 198 6.11 -7.70 -10.09
CA LEU A 198 5.94 -7.81 -8.66
C LEU A 198 6.54 -9.11 -8.11
N ALA A 199 6.33 -10.22 -8.81
CA ALA A 199 6.95 -11.45 -8.39
C ALA A 199 8.46 -11.37 -8.51
N ASP A 200 8.97 -10.72 -9.56
CA ASP A 200 10.40 -10.62 -9.71
C ASP A 200 10.95 -9.94 -8.47
N MSE A 201 10.30 -8.87 -8.01
CA MSE A 201 10.76 -8.15 -6.83
C MSE A 201 10.69 -9.05 -5.60
O MSE A 201 11.68 -9.20 -4.83
CB MSE A 201 9.96 -6.83 -6.58
CG MSE A 201 10.34 -6.15 -5.23
SE MSE A 201 9.23 -4.58 -5.06
CE MSE A 201 8.00 -5.38 -4.30
N LEU A 202 9.53 -9.64 -5.38
CA LEU A 202 9.39 -10.47 -4.19
C LEU A 202 10.33 -11.70 -4.21
N CYS A 203 10.42 -12.39 -5.38
CA CYS A 203 11.30 -13.57 -5.51
C CYS A 203 12.77 -13.17 -5.31
N ALA A 204 13.20 -12.05 -5.86
CA ALA A 204 14.59 -11.56 -5.68
C ALA A 204 14.89 -11.40 -4.21
N TYR A 205 13.94 -10.84 -3.46
CA TYR A 205 14.11 -10.69 -2.01
C TYR A 205 14.15 -12.05 -1.32
N LEU A 206 13.26 -12.99 -1.73
CA LEU A 206 13.27 -14.33 -1.15
C LEU A 206 14.64 -15.01 -1.43
N ALA A 207 15.10 -14.93 -2.67
CA ALA A 207 16.40 -15.54 -3.04
C ALA A 207 17.62 -14.96 -2.30
N ALA A 208 17.62 -13.63 -2.09
CA ALA A 208 18.71 -12.93 -1.41
C ALA A 208 18.73 -13.35 0.06
N LEU A 209 17.57 -13.43 0.69
CA LEU A 209 17.43 -14.07 2.02
C LEU A 209 17.98 -15.51 2.15
N GLY A 210 17.74 -16.36 1.15
CA GLY A 210 18.23 -17.72 1.14
C GLY A 210 19.68 -17.92 0.67
N GLU A 211 20.30 -16.83 0.22
N GLU A 211 20.27 -16.93 0.00
CA GLU A 211 21.74 -16.78 -0.10
CA GLU A 211 21.60 -17.15 -0.56
C GLU A 211 22.49 -15.83 0.83
C GLU A 211 22.68 -16.67 0.37
N SER B 22 6.30 37.52 13.21
CA SER B 22 6.80 37.08 11.86
C SER B 22 7.43 35.65 11.84
N SER B 23 8.52 35.49 11.10
CA SER B 23 9.09 34.16 10.70
C SER B 23 9.77 33.33 11.80
N GLU B 24 10.28 33.99 12.86
CA GLU B 24 10.87 33.25 13.99
C GLU B 24 9.81 32.65 14.91
N LEU B 25 8.75 33.43 15.20
CA LEU B 25 7.64 32.96 16.01
C LEU B 25 6.85 31.83 15.32
N VAL B 26 6.55 32.00 14.03
CA VAL B 26 5.99 30.93 13.19
C VAL B 26 6.78 29.63 13.30
N ALA B 27 8.11 29.70 13.15
CA ALA B 27 8.93 28.50 13.27
C ALA B 27 8.89 27.85 14.65
N SER B 28 8.90 28.60 15.76
CA SER B 28 8.76 27.95 17.08
C SER B 28 7.36 27.29 17.26
N ILE B 29 6.30 27.92 16.78
CA ILE B 29 4.97 27.29 16.89
C ILE B 29 4.93 25.98 16.09
N LEU B 30 5.47 26.02 14.88
CA LEU B 30 5.48 24.84 14.02
C LEU B 30 6.32 23.72 14.62
N GLU B 31 7.47 24.07 15.22
CA GLU B 31 8.31 23.10 15.94
C GLU B 31 7.58 22.55 17.18
N ALA B 32 6.92 23.44 17.90
CA ALA B 32 6.11 23.09 19.05
C ALA B 32 5.01 22.13 18.65
N ALA B 33 4.33 22.42 17.55
CA ALA B 33 3.21 21.58 17.08
C ALA B 33 3.64 20.15 16.73
N VAL B 34 4.73 20.02 15.98
CA VAL B 34 5.37 18.73 15.77
C VAL B 34 5.71 18.00 17.08
N GLN B 35 6.28 18.70 18.06
CA GLN B 35 6.56 18.05 19.35
C GLN B 35 5.28 17.52 19.98
N VAL B 36 4.25 18.37 20.05
CA VAL B 36 2.96 17.99 20.66
C VAL B 36 2.37 16.76 20.00
N LEU B 37 2.41 16.73 18.68
CA LEU B 37 1.81 15.65 17.93
C LEU B 37 2.48 14.33 18.25
N ALA B 38 3.81 14.35 18.35
CA ALA B 38 4.59 13.13 18.60
C ALA B 38 4.91 12.96 20.09
N GLY B 41 -0.99 12.52 21.65
CA GLY B 41 -0.91 12.21 20.21
C GLY B 41 -1.76 13.09 19.31
N ALA B 42 -2.53 12.47 18.40
CA ALA B 42 -3.38 13.17 17.40
C ALA B 42 -4.78 13.54 17.90
N GLN B 43 -5.26 12.80 18.90
CA GLN B 43 -6.57 13.06 19.51
C GLN B 43 -6.36 14.13 20.59
N ARG B 44 -5.09 14.38 20.90
CA ARG B 44 -4.68 15.33 21.92
C ARG B 44 -4.22 16.66 21.29
N PHE B 45 -4.29 16.77 19.98
CA PHE B 45 -3.82 17.97 19.28
C PHE B 45 -4.78 19.16 19.41
N THR B 46 -4.36 20.16 20.17
CA THR B 46 -5.10 21.41 20.31
C THR B 46 -4.16 22.62 20.29
N THR B 47 -4.71 23.79 19.99
CA THR B 47 -3.91 24.99 19.93
C THR B 47 -3.37 25.32 21.33
N ALA B 48 -4.22 25.26 22.34
CA ALA B 48 -3.79 25.57 23.71
C ALA B 48 -2.51 24.80 24.05
N ARG B 49 -2.52 23.51 23.73
CA ARG B 49 -1.39 22.64 23.99
C ARG B 49 -0.15 23.04 23.15
N VAL B 50 -0.32 23.47 21.89
CA VAL B 50 0.87 23.99 21.17
C VAL B 50 1.37 25.37 21.63
N ALA B 51 0.47 26.28 21.98
CA ALA B 51 0.89 27.61 22.45
C ALA B 51 1.82 27.43 23.65
N GLU B 52 1.42 26.54 24.55
CA GLU B 52 2.16 26.24 25.78
C GLU B 52 3.59 25.81 25.48
N ARG B 53 3.73 24.67 24.78
N ARG B 53 3.72 24.76 24.66
CA ARG B 53 5.04 24.15 24.36
CA ARG B 53 4.99 24.12 24.33
C ARG B 53 5.91 25.29 23.85
C ARG B 53 5.82 24.95 23.35
N ALA B 54 5.31 26.14 23.02
CA ALA B 54 6.05 27.18 22.30
C ALA B 54 6.47 28.34 23.22
N GLY B 55 5.84 28.41 24.40
CA GLY B 55 6.09 29.47 25.35
C GLY B 55 5.46 30.78 24.92
N VAL B 56 4.31 30.67 24.25
CA VAL B 56 3.63 31.85 23.74
C VAL B 56 2.17 31.90 24.21
N SER B 57 1.57 33.08 24.17
CA SER B 57 0.16 33.19 24.46
C SER B 57 -0.63 32.53 23.34
N ILE B 58 -1.76 31.96 23.73
CA ILE B 58 -2.73 31.44 22.79
C ILE B 58 -3.19 32.60 21.87
N GLY B 59 -3.32 33.81 22.43
CA GLY B 59 -3.61 35.00 21.65
C GLY B 59 -2.57 35.25 20.57
N SER B 60 -1.33 34.96 20.89
CA SER B 60 -0.26 35.22 19.99
C SER B 60 -0.19 34.18 18.88
N LEU B 61 -0.40 32.93 19.25
CA LEU B 61 -0.57 31.86 18.29
C LEU B 61 -1.70 32.18 17.28
N TYR B 62 -2.81 32.70 17.81
CA TYR B 62 -4.01 33.02 17.01
C TYR B 62 -3.73 33.93 15.81
N GLN B 63 -2.82 34.88 15.97
N GLN B 63 -2.74 34.80 15.96
CA GLN B 63 -2.49 35.78 14.89
CA GLN B 63 -2.37 35.80 14.98
C GLN B 63 -2.01 35.00 13.67
C GLN B 63 -1.55 35.24 13.82
N TYR B 64 -1.20 33.97 13.92
CA TYR B 64 -0.52 33.24 12.87
C TYR B 64 -1.34 32.05 12.41
N PHE B 65 -2.03 31.41 13.34
CA PHE B 65 -2.87 30.26 13.06
C PHE B 65 -4.17 30.41 13.81
N PRO B 66 -5.24 30.78 13.10
CA PRO B 66 -6.55 31.01 13.76
C PRO B 66 -7.27 29.75 14.31
N ASN B 67 -6.81 28.55 13.98
CA ASN B 67 -7.37 27.29 14.56
C ASN B 67 -6.44 26.12 14.40
N LYS B 68 -6.74 24.99 15.05
CA LYS B 68 -5.86 23.83 14.98
C LYS B 68 -5.67 23.29 13.53
N ALA B 69 -6.73 23.35 12.70
CA ALA B 69 -6.61 22.88 11.29
C ALA B 69 -5.55 23.65 10.50
N ALA B 70 -5.48 24.96 10.73
CA ALA B 70 -4.54 25.81 10.02
C ALA B 70 -3.09 25.43 10.38
N ILE B 71 -2.85 25.06 11.63
CA ILE B 71 -1.55 24.54 11.99
C ILE B 71 -1.28 23.20 11.26
N LEU B 72 -2.21 22.26 11.28
CA LEU B 72 -2.04 20.96 10.60
C LEU B 72 -1.85 21.10 9.10
N PHE B 73 -2.64 21.94 8.47
CA PHE B 73 -2.46 22.25 7.04
C PHE B 73 -1.06 22.77 6.71
N ARG B 74 -0.55 23.67 7.55
CA ARG B 74 0.83 24.16 7.38
C ARG B 74 1.87 23.05 7.59
N LEU B 75 1.74 22.25 8.65
CA LEU B 75 2.67 21.13 8.87
C LEU B 75 2.63 20.18 7.67
N GLN B 76 1.44 19.98 7.12
CA GLN B 76 1.29 19.07 5.97
C GLN B 76 2.00 19.52 4.74
N SER B 77 1.79 20.78 4.36
CA SER B 77 2.42 21.29 3.17
C SER B 77 3.91 21.45 3.32
N ASP B 78 4.38 21.80 4.52
CA ASP B 78 5.82 21.76 4.80
C ASP B 78 6.38 20.35 4.63
N GLU B 79 5.70 19.35 5.14
CA GLU B 79 6.22 18.01 5.00
C GLU B 79 6.26 17.54 3.54
N TRP B 80 5.25 17.88 2.74
CA TRP B 80 5.27 17.57 1.30
C TRP B 80 6.45 18.22 0.54
N ARG B 81 6.71 19.50 0.78
N ARG B 81 6.71 19.50 0.80
CA ARG B 81 7.82 20.18 0.10
CA ARG B 81 7.80 20.20 0.12
C ARG B 81 9.18 19.60 0.49
C ARG B 81 9.18 19.65 0.51
N ARG B 82 9.33 19.29 1.77
CA ARG B 82 10.57 18.71 2.33
C ARG B 82 10.89 17.41 1.62
N THR B 83 9.89 16.56 1.56
CA THR B 83 10.02 15.24 1.02
C THR B 83 10.33 15.25 -0.48
N THR B 84 9.55 16.01 -1.25
CA THR B 84 9.89 16.29 -2.63
C THR B 84 11.34 16.81 -2.78
N ARG B 85 11.77 17.74 -1.92
CA ARG B 85 13.16 18.18 -1.90
C ARG B 85 14.12 16.99 -1.65
N LEU B 86 13.88 16.22 -0.58
CA LEU B 86 14.70 15.02 -0.27
C LEU B 86 14.73 13.89 -1.28
N LEU B 87 13.63 13.67 -1.99
CA LEU B 87 13.61 12.59 -2.98
C LEU B 87 14.69 12.85 -4.04
N GLY B 88 14.63 14.07 -4.58
CA GLY B 88 15.52 14.49 -5.63
C GLY B 88 16.95 14.55 -5.16
N GLU B 89 17.16 15.22 -4.03
N GLU B 89 17.23 15.25 -4.07
CA GLU B 89 18.48 15.41 -3.43
CA GLU B 89 18.61 15.34 -3.59
C GLU B 89 19.19 14.10 -3.08
C GLU B 89 19.19 13.96 -3.27
N ILE B 90 18.46 13.13 -2.54
CA ILE B 90 19.01 11.82 -2.22
C ILE B 90 19.35 11.04 -3.50
N LEU B 91 18.41 10.99 -4.46
CA LEU B 91 18.57 10.12 -5.61
C LEU B 91 19.43 10.71 -6.67
N GLU B 92 19.65 12.04 -6.62
CA GLU B 92 20.52 12.73 -7.55
C GLU B 92 21.96 12.82 -7.01
N ASP B 93 22.16 12.39 -5.77
CA ASP B 93 23.48 12.54 -5.10
C ASP B 93 24.51 11.57 -5.69
N THR B 94 25.20 11.96 -6.76
CA THR B 94 26.12 11.02 -7.44
C THR B 94 27.51 10.85 -6.80
N THR B 95 27.66 11.41 -5.60
CA THR B 95 28.74 11.11 -4.66
C THR B 95 28.71 9.59 -4.29
N ARG B 96 27.49 9.09 -4.11
CA ARG B 96 27.21 7.73 -3.60
C ARG B 96 26.75 6.79 -4.69
N PRO B 97 27.09 5.49 -4.57
CA PRO B 97 26.60 4.61 -5.60
C PRO B 97 25.06 4.43 -5.50
N PRO B 98 24.40 4.10 -6.63
CA PRO B 98 22.94 4.11 -6.74
C PRO B 98 22.20 3.41 -5.61
N LEU B 99 22.61 2.19 -5.26
CA LEU B 99 21.82 1.45 -4.26
C LEU B 99 21.94 2.05 -2.86
N GLU B 100 23.09 2.63 -2.56
CA GLU B 100 23.26 3.35 -1.31
C GLU B 100 22.27 4.50 -1.19
N ARG B 101 22.11 5.26 -2.28
CA ARG B 101 21.14 6.36 -2.40
C ARG B 101 19.74 5.85 -2.15
N LEU B 102 19.42 4.68 -2.73
CA LEU B 102 18.09 4.10 -2.55
C LEU B 102 17.79 3.68 -1.13
N ARG B 103 18.76 3.04 -0.45
N ARG B 103 18.76 3.04 -0.47
CA ARG B 103 18.64 2.71 0.96
CA ARG B 103 18.65 2.74 0.94
C ARG B 103 18.36 3.96 1.85
C ARG B 103 18.34 3.97 1.82
N ARG B 104 19.12 5.02 1.62
CA ARG B 104 18.90 6.33 2.31
C ARG B 104 17.57 6.95 2.01
N LEU B 105 17.11 6.81 0.76
CA LEU B 105 15.83 7.33 0.38
C LEU B 105 14.73 6.55 1.11
N VAL B 106 14.88 5.23 1.20
CA VAL B 106 13.88 4.39 1.86
C VAL B 106 13.76 4.78 3.35
N LEU B 107 14.89 4.88 4.00
CA LEU B 107 14.86 5.28 5.38
C LEU B 107 14.27 6.70 5.55
N ALA B 108 14.63 7.65 4.71
CA ALA B 108 14.07 9.01 4.84
C ALA B 108 12.55 9.01 4.60
N PHE B 109 12.11 8.27 3.56
CA PHE B 109 10.70 8.16 3.16
C PHE B 109 9.88 7.50 4.28
N VAL B 110 10.33 6.36 4.79
CA VAL B 110 9.65 5.73 5.93
C VAL B 110 9.57 6.67 7.13
N ARG B 111 10.69 7.24 7.55
CA ARG B 111 10.66 8.27 8.62
C ARG B 111 9.62 9.30 8.38
N SER B 112 9.58 9.89 7.20
CA SER B 112 8.61 10.94 6.95
C SER B 112 7.17 10.42 6.99
N GLU B 113 6.87 9.24 6.39
CA GLU B 113 5.54 8.58 6.64
C GLU B 113 5.14 8.41 8.13
N CYS B 114 6.06 7.98 8.99
CA CYS B 114 5.74 7.81 10.41
C CYS B 114 5.55 9.12 11.16
N GLU B 115 6.18 10.19 10.70
CA GLU B 115 5.90 11.54 11.21
C GLU B 115 4.57 12.12 10.69
N GLU B 116 4.23 11.82 9.44
CA GLU B 116 3.03 12.36 8.75
C GLU B 116 1.73 11.49 8.80
N ALA B 117 1.80 10.42 9.59
CA ALA B 117 0.62 9.63 9.93
C ALA B 117 -0.22 10.48 10.90
N ALA B 118 0.44 10.98 11.93
CA ALA B 118 -0.16 11.82 12.96
C ALA B 118 -0.74 13.12 12.41
N ILE B 119 -0.04 13.79 11.50
CA ILE B 119 -0.63 15.01 10.89
C ILE B 119 -1.94 14.67 10.16
N ARG B 120 -1.92 13.59 9.37
N ARG B 120 -1.91 13.60 9.36
CA ARG B 120 -3.06 13.18 8.57
CA ARG B 120 -3.07 13.13 8.59
C ARG B 120 -4.26 12.69 9.42
C ARG B 120 -4.25 12.75 9.48
N VAL B 121 -4.00 11.96 10.51
CA VAL B 121 -5.06 11.61 11.45
C VAL B 121 -5.67 12.86 12.14
N ALA B 122 -4.81 13.75 12.64
CA ALA B 122 -5.30 14.94 13.30
C ALA B 122 -6.18 15.75 12.35
N LEU B 123 -5.73 15.90 11.12
CA LEU B 123 -6.53 16.52 10.08
C LEU B 123 -7.89 15.93 9.81
N SER B 124 -8.02 14.61 9.83
CA SER B 124 -9.30 13.96 9.63
C SER B 124 -10.28 14.25 10.73
N ASP B 125 -9.76 14.51 11.92
N ASP B 125 -9.75 14.50 11.92
CA ASP B 125 -10.58 14.91 13.06
CA ASP B 125 -10.57 14.92 13.04
C ASP B 125 -10.93 16.40 12.91
C ASP B 125 -10.94 16.39 12.84
N ALA B 126 -9.93 17.21 12.56
CA ALA B 126 -10.08 18.66 12.49
C ALA B 126 -10.87 19.17 11.30
N ALA B 127 -10.67 18.54 10.16
CA ALA B 127 -11.22 18.98 8.89
C ALA B 127 -11.65 17.77 8.07
N PRO B 128 -12.74 17.08 8.50
CA PRO B 128 -13.18 15.85 7.88
C PRO B 128 -13.53 15.90 6.39
N LEU B 129 -13.99 17.04 5.89
CA LEU B 129 -14.28 17.24 4.48
C LEU B 129 -13.06 17.37 3.57
N TYR B 130 -11.94 17.79 4.16
CA TYR B 130 -10.73 18.06 3.39
C TYR B 130 -10.25 16.93 2.46
N ARG B 131 -10.02 17.35 1.21
CA ARG B 131 -9.62 16.56 0.05
C ARG B 131 -8.24 15.91 0.14
N ASP B 132 -8.17 14.71 0.74
CA ASP B 132 -6.92 14.14 1.27
C ASP B 132 -6.14 13.21 0.29
N ALA B 133 -6.60 13.17 -0.97
CA ALA B 133 -6.06 12.28 -2.02
C ALA B 133 -5.44 13.03 -3.21
N ASP B 134 -6.08 14.15 -3.59
CA ASP B 134 -5.74 14.98 -4.79
C ASP B 134 -4.31 15.55 -4.82
N GLU B 135 -3.94 16.31 -3.79
CA GLU B 135 -2.62 16.94 -3.71
C GLU B 135 -1.49 15.94 -3.50
N ALA B 136 -1.81 14.79 -2.94
CA ALA B 136 -0.84 13.71 -2.73
C ALA B 136 -0.43 13.04 -4.04
N ARG B 137 -1.35 12.96 -5.01
CA ARG B 137 -1.08 12.35 -6.32
C ARG B 137 -0.06 13.16 -7.15
N GLU B 138 -0.14 14.48 -7.02
CA GLU B 138 0.86 15.39 -7.60
C GLU B 138 2.26 15.17 -6.97
N VAL B 139 2.28 14.91 -5.66
CA VAL B 139 3.51 14.60 -4.93
C VAL B 139 4.10 13.29 -5.44
N LYS B 140 3.27 12.25 -5.52
CA LYS B 140 3.66 10.97 -6.12
C LYS B 140 4.20 11.10 -7.55
N ALA B 141 3.62 12.03 -8.32
CA ALA B 141 3.96 12.20 -9.74
C ALA B 141 5.40 12.65 -9.94
N GLU B 142 5.78 13.71 -9.22
CA GLU B 142 7.18 14.17 -9.12
C GLU B 142 8.10 13.05 -8.60
N GLY B 143 7.53 12.10 -7.86
CA GLY B 143 8.25 10.91 -7.43
C GLY B 143 8.60 9.91 -8.53
N ALA B 144 7.61 9.54 -9.35
CA ALA B 144 7.84 8.57 -10.42
C ALA B 144 8.81 9.12 -11.44
N ARG B 145 8.77 10.43 -11.66
CA ARG B 145 9.67 11.10 -12.60
C ARG B 145 11.14 10.96 -12.17
N VAL B 146 11.39 11.21 -10.88
CA VAL B 146 12.74 11.16 -10.29
C VAL B 146 13.29 9.71 -10.27
N PHE B 147 12.42 8.77 -9.92
CA PHE B 147 12.74 7.35 -9.99
C PHE B 147 13.08 6.89 -11.39
N GLN B 148 12.39 7.44 -12.40
CA GLN B 148 12.63 7.04 -13.78
C GLN B 148 14.05 7.46 -14.22
N ALA B 149 14.48 8.66 -13.83
CA ALA B 149 15.81 9.19 -14.09
C ALA B 149 16.93 8.43 -13.38
N PHE B 150 16.70 8.09 -12.11
CA PHE B 150 17.58 7.27 -11.30
C PHE B 150 17.86 5.89 -11.92
N LEU B 151 16.82 5.21 -12.37
CA LEU B 151 17.01 3.91 -13.04
C LEU B 151 17.77 4.00 -14.37
N ARG B 152 17.66 5.12 -15.07
N ARG B 152 17.68 5.11 -15.09
CA ARG B 152 18.43 5.30 -16.29
CA ARG B 152 18.46 5.19 -16.31
C ARG B 152 19.93 5.24 -15.97
C ARG B 152 19.96 5.34 -16.03
N GLU B 153 20.30 5.78 -14.82
CA GLU B 153 21.69 5.76 -14.32
C GLU B 153 22.05 4.45 -13.62
N ALA B 154 21.13 3.90 -12.84
CA ALA B 154 21.40 2.68 -12.11
C ALA B 154 21.43 1.51 -13.07
N LEU B 155 20.56 1.53 -14.09
CA LEU B 155 20.35 0.39 -14.98
C LEU B 155 20.40 0.76 -16.46
N PRO B 156 21.56 1.27 -16.94
CA PRO B 156 21.71 1.74 -18.32
C PRO B 156 21.43 0.66 -19.37
N GLU B 157 21.69 -0.59 -19.02
CA GLU B 157 21.57 -1.69 -19.99
C GLU B 157 20.20 -2.36 -20.02
N VAL B 158 19.28 -1.88 -19.17
CA VAL B 158 17.91 -2.39 -19.16
C VAL B 158 16.99 -1.63 -20.15
N ALA B 159 16.22 -2.37 -20.93
CA ALA B 159 15.31 -1.76 -21.91
C ALA B 159 14.38 -0.77 -21.21
N GLU B 160 14.00 0.29 -21.91
CA GLU B 160 13.19 1.40 -21.35
C GLU B 160 11.84 0.96 -20.82
N ALA B 161 11.23 -0.04 -21.45
CA ALA B 161 9.91 -0.53 -21.03
C ALA B 161 10.01 -1.27 -19.69
N GLU B 162 11.02 -2.12 -19.53
N GLU B 162 11.08 -2.06 -19.56
CA GLU B 162 11.24 -2.77 -18.23
CA GLU B 162 11.39 -2.83 -18.37
C GLU B 162 11.56 -1.75 -17.14
C GLU B 162 11.75 -1.95 -17.15
N ARG B 163 12.56 -0.92 -17.38
CA ARG B 163 12.92 0.09 -16.38
C ARG B 163 11.75 0.95 -15.98
N SER B 164 10.87 1.23 -16.90
CA SER B 164 9.76 2.12 -16.64
C SER B 164 8.73 1.39 -15.74
N LEU B 165 8.54 0.10 -15.98
CA LEU B 165 7.70 -0.74 -15.16
C LEU B 165 8.34 -0.86 -13.79
N ALA B 166 9.66 -1.07 -13.74
CA ALA B 166 10.36 -1.20 -12.45
C ALA B 166 10.26 0.08 -11.63
N GLY B 167 10.38 1.23 -12.30
CA GLY B 167 10.21 2.51 -11.65
C GLY B 167 8.83 2.73 -11.09
N ASP B 168 7.79 2.39 -11.85
N ASP B 168 7.79 2.36 -11.84
CA ASP B 168 6.42 2.36 -11.31
CA ASP B 168 6.42 2.40 -11.31
C ASP B 168 6.38 1.50 -10.05
C ASP B 168 6.17 1.43 -10.14
N LEU B 169 6.74 0.23 -10.17
CA LEU B 169 6.66 -0.68 -9.04
C LEU B 169 7.44 -0.13 -7.82
N LEU B 170 8.66 0.35 -8.00
CA LEU B 170 9.40 0.93 -6.87
C LEU B 170 8.62 2.06 -6.19
N THR B 171 8.06 2.97 -6.97
CA THR B 171 7.35 4.14 -6.45
C THR B 171 6.09 3.69 -5.70
N THR B 172 5.31 2.82 -6.33
CA THR B 172 4.10 2.27 -5.70
C THR B 172 4.48 1.57 -4.39
N THR B 173 5.56 0.82 -4.44
CA THR B 173 5.87 -0.07 -3.30
C THR B 173 6.30 0.79 -2.11
N LEU B 174 7.23 1.65 -2.34
CA LEU B 174 7.70 2.54 -1.30
C LEU B 174 6.51 3.27 -0.68
N GLY B 175 5.63 3.87 -1.50
CA GLY B 175 4.56 4.63 -0.97
C GLY B 175 3.51 3.79 -0.30
N ALA B 176 3.12 2.65 -0.90
CA ALA B 176 2.01 1.90 -0.32
C ALA B 176 2.47 1.18 0.94
N VAL B 177 3.69 0.66 0.92
CA VAL B 177 4.25 -0.05 2.07
C VAL B 177 4.61 0.94 3.22
N GLY B 178 5.36 2.02 2.92
CA GLY B 178 5.66 3.04 3.92
C GLY B 178 4.40 3.54 4.63
N LYS B 179 3.38 3.79 3.83
CA LYS B 179 2.12 4.23 4.34
C LYS B 179 1.49 3.22 5.30
N GLN B 180 1.33 1.95 4.88
CA GLN B 180 0.68 0.95 5.77
C GLN B 180 1.47 0.80 7.07
N PHE B 181 2.80 0.81 6.96
CA PHE B 181 3.67 0.65 8.12
C PHE B 181 3.39 1.78 9.13
N SER B 182 3.18 2.99 8.62
CA SER B 182 2.95 4.20 9.46
C SER B 182 1.60 4.23 10.18
N GLU B 183 0.70 3.31 9.86
CA GLU B 183 -0.60 3.30 10.53
C GLU B 183 -0.50 3.03 12.02
N GLN B 184 0.67 2.57 12.46
CA GLN B 184 0.97 2.34 13.88
C GLN B 184 2.14 3.23 14.30
N PRO B 185 2.18 3.66 15.58
CA PRO B 185 3.35 4.40 16.06
C PRO B 185 4.59 3.50 16.10
N ARG B 186 5.73 4.02 15.65
CA ARG B 186 6.95 3.21 15.56
C ARG B 186 8.13 3.90 16.25
N SER B 187 8.97 3.12 16.93
CA SER B 187 10.23 3.64 17.50
C SER B 187 11.29 3.85 16.41
N GLU B 188 12.32 4.65 16.70
CA GLU B 188 13.41 4.87 15.74
C GLU B 188 14.04 3.52 15.35
N ALA B 189 14.19 2.61 16.32
CA ALA B 189 14.74 1.28 16.00
C ALA B 189 13.84 0.46 15.05
N GLU B 190 12.53 0.43 15.30
CA GLU B 190 11.56 -0.23 14.45
C GLU B 190 11.63 0.30 13.01
N ILE B 191 11.59 1.63 12.90
CA ILE B 191 11.62 2.33 11.66
C ILE B 191 12.88 1.95 10.91
N GLU B 192 14.02 1.96 11.61
CA GLU B 192 15.30 1.62 11.02
C GLU B 192 15.33 0.19 10.56
N ARG B 193 14.85 -0.73 11.41
N ARG B 193 14.88 -0.72 11.41
CA ARG B 193 14.82 -2.16 11.09
CA ARG B 193 14.83 -2.13 11.04
C ARG B 193 13.91 -2.45 9.86
C ARG B 193 13.95 -2.33 9.78
N TYR B 194 12.73 -1.84 9.85
CA TYR B 194 11.75 -2.00 8.76
C TYR B 194 12.22 -1.37 7.49
N ALA B 195 12.73 -0.13 7.58
CA ALA B 195 13.33 0.52 6.40
C ALA B 195 14.51 -0.26 5.77
N GLU B 196 15.34 -0.87 6.61
CA GLU B 196 16.44 -1.68 6.12
C GLU B 196 15.92 -2.93 5.33
N ALA B 197 14.89 -3.59 5.83
CA ALA B 197 14.29 -4.75 5.15
C ALA B 197 13.62 -4.34 3.82
N LEU B 198 12.89 -3.23 3.84
CA LEU B 198 12.19 -2.69 2.66
C LEU B 198 13.25 -2.33 1.65
N ALA B 199 14.33 -1.69 2.08
CA ALA B 199 15.40 -1.37 1.13
C ALA B 199 16.11 -2.64 0.59
N ASP B 200 16.24 -3.67 1.42
CA ASP B 200 16.85 -4.92 1.04
C ASP B 200 16.04 -5.52 -0.12
N MSE B 201 14.72 -5.47 -0.01
CA MSE B 201 13.81 -5.97 -1.02
C MSE B 201 13.99 -5.21 -2.34
O MSE B 201 14.22 -5.80 -3.42
CB MSE B 201 12.37 -5.83 -0.56
CG MSE B 201 11.36 -6.34 -1.67
SE MSE B 201 9.57 -6.32 -0.90
CE MSE B 201 9.30 -4.55 -0.66
N LEU B 202 13.91 -3.89 -2.25
CA LEU B 202 14.11 -3.03 -3.43
C LEU B 202 15.48 -3.15 -4.06
N CYS B 203 16.50 -3.25 -3.22
CA CYS B 203 17.86 -3.37 -3.71
C CYS B 203 18.01 -4.74 -4.36
N ALA B 204 17.48 -5.80 -3.76
CA ALA B 204 17.57 -7.15 -4.37
C ALA B 204 16.93 -7.19 -5.78
N TYR B 205 15.79 -6.53 -5.91
CA TYR B 205 15.03 -6.46 -7.16
C TYR B 205 15.83 -5.78 -8.27
N LEU B 206 16.40 -4.61 -7.97
CA LEU B 206 17.22 -3.85 -8.94
C LEU B 206 18.50 -4.55 -9.36
N ALA B 207 19.19 -5.13 -8.39
CA ALA B 207 20.34 -5.98 -8.62
C ALA B 207 20.01 -7.12 -9.54
N ALA B 208 18.91 -7.85 -9.29
CA ALA B 208 18.44 -8.91 -10.19
C ALA B 208 18.12 -8.41 -11.59
N LEU B 209 17.59 -7.20 -11.72
CA LEU B 209 17.35 -6.65 -13.04
C LEU B 209 18.64 -6.36 -13.82
N GLY B 210 19.66 -5.85 -13.14
CA GLY B 210 20.97 -5.54 -13.74
C GLY B 210 21.79 -6.76 -14.13
N GLU B 211 21.52 -7.90 -13.50
CA GLU B 211 22.21 -9.15 -13.84
C GLU B 211 21.85 -9.86 -15.15
N ARG B 212 20.82 -9.38 -15.85
CA ARG B 212 20.48 -9.97 -17.16
C ARG B 212 20.93 -9.05 -18.30
#